data_3ZDJ
#
_entry.id   3ZDJ
#
_cell.length_a   111.144
_cell.length_b   111.144
_cell.length_c   93.722
_cell.angle_alpha   90.00
_cell.angle_beta   90.00
_cell.angle_gamma   120.00
#
_symmetry.space_group_name_H-M   'P 64'
#
loop_
_entity.id
_entity.type
_entity.pdbx_description
1 polymer 'ENCA BETA-LACTAMASE'
2 non-polymer 'SULFATE ION'
3 water water
#
_entity_poly.entity_id   1
_entity_poly.type   'polypeptide(L)'
_entity_poly.pdbx_seq_one_letter_code
;MHPQTLEQIKESESQLSGRVGMVELDLASGRTLSYRADERFPMMSTFKVLLCGAVLARVDAGLEQLDRRIHYRQQDLVEY
SPVTEKHLADGMTVAELCAAAITMSDNTAANLLLATIGGPAGLTAFLRNIGDNVTRLDRWETELNEALPGDERDTTTPAA
MAATLRKLLTGEILSAASRQQLITWMVADKVAGPLLRSVLPAGWFIADKTGAGERGSRGIIAVLGPDGKPSRIVVIYLTE
TQASMDERNQQIAEIGAALIEHW
;
_entity_poly.pdbx_strand_id   A,B
#
loop_
_chem_comp.id
_chem_comp.type
_chem_comp.name
_chem_comp.formula
SO4 non-polymer 'SULFATE ION' 'O4 S -2'
#
# COMPACT_ATOMS: atom_id res chain seq x y z
N MET A 1 45.16 -6.33 8.17
N MET A 1 44.08 -6.75 7.81
N MET A 1 45.66 -5.86 8.29
CA MET A 1 44.34 -5.52 9.06
CA MET A 1 44.22 -5.67 8.79
CA MET A 1 44.28 -5.64 8.66
C MET A 1 43.85 -4.25 8.37
C MET A 1 43.77 -4.33 8.22
C MET A 1 43.81 -4.25 8.25
N HIS A 2 42.64 -3.84 8.72
CA HIS A 2 42.08 -2.56 8.29
C HIS A 2 41.90 -1.64 9.48
N PRO A 3 42.03 -0.34 9.22
CA PRO A 3 41.64 0.64 10.22
C PRO A 3 40.13 0.58 10.46
N GLN A 4 39.66 1.26 11.49
CA GLN A 4 38.24 1.40 11.75
C GLN A 4 37.48 1.88 10.50
N THR A 5 36.27 1.36 10.32
CA THR A 5 35.49 1.56 9.12
C THR A 5 35.48 3.01 8.65
N LEU A 6 35.14 3.94 9.54
CA LEU A 6 35.07 5.37 9.13
C LEU A 6 36.39 5.88 8.60
N GLU A 7 37.49 5.36 9.15
CA GLU A 7 38.81 5.82 8.72
C GLU A 7 39.11 5.23 7.34
N GLN A 8 38.67 4.00 7.11
CA GLN A 8 38.84 3.33 5.83
C GLN A 8 38.08 4.06 4.75
N ILE A 9 36.91 4.58 5.12
CA ILE A 9 36.09 5.33 4.17
C ILE A 9 36.80 6.62 3.76
N LYS A 10 37.34 7.34 4.73
CA LYS A 10 38.09 8.56 4.40
C LYS A 10 39.21 8.21 3.40
N GLU A 11 39.99 7.18 3.72
CA GLU A 11 41.11 6.81 2.85
C GLU A 11 40.62 6.39 1.45
N SER A 12 39.51 5.67 1.39
CA SER A 12 39.00 5.24 0.10
C SER A 12 38.55 6.45 -0.70
N GLU A 13 37.84 7.37 -0.06
CA GLU A 13 37.40 8.61 -0.68
C GLU A 13 38.61 9.34 -1.25
N SER A 14 39.69 9.42 -0.49
CA SER A 14 40.89 10.10 -0.96
C SER A 14 41.45 9.39 -2.16
N GLN A 15 41.63 8.08 -2.07
CA GLN A 15 42.17 7.37 -3.22
C GLN A 15 41.37 7.56 -4.48
N LEU A 16 40.05 7.60 -4.35
CA LEU A 16 39.17 7.75 -5.49
C LEU A 16 39.08 9.19 -5.88
N SER A 17 39.52 10.06 -4.98
CA SER A 17 39.35 11.47 -5.19
C SER A 17 37.89 11.76 -5.59
N GLY A 18 36.94 11.19 -4.86
CA GLY A 18 35.52 11.36 -5.18
C GLY A 18 34.69 11.67 -3.95
N ARG A 19 33.46 11.14 -3.91
CA ARG A 19 32.57 11.36 -2.77
C ARG A 19 31.94 10.02 -2.32
N VAL A 20 32.09 9.67 -1.05
CA VAL A 20 31.57 8.38 -0.55
C VAL A 20 30.53 8.58 0.56
N GLY A 21 29.39 7.88 0.47
CA GLY A 21 28.37 7.93 1.51
C GLY A 21 28.08 6.54 2.06
N MET A 22 27.94 6.44 3.39
N MET A 22 27.87 6.47 3.38
CA MET A 22 27.62 5.16 4.02
CA MET A 22 27.61 5.18 4.00
C MET A 22 26.66 5.28 5.21
C MET A 22 26.69 5.26 5.22
N VAL A 23 25.83 4.26 5.37
CA VAL A 23 25.09 4.05 6.60
C VAL A 23 25.15 2.56 6.88
N GLU A 24 25.57 2.19 8.09
CA GLU A 24 25.36 0.84 8.58
C GLU A 24 24.31 0.96 9.64
N LEU A 25 23.23 0.18 9.52
CA LEU A 25 22.12 0.27 10.46
C LEU A 25 21.81 -1.11 11.08
N ASP A 26 21.90 -1.19 12.40
CA ASP A 26 21.71 -2.46 13.08
C ASP A 26 20.20 -2.72 13.32
N LEU A 27 19.68 -3.84 12.82
CA LEU A 27 18.22 -4.08 12.82
C LEU A 27 17.60 -4.14 14.22
N ALA A 28 18.24 -4.86 15.12
CA ALA A 28 17.76 -5.02 16.48
C ALA A 28 17.82 -3.74 17.33
N SER A 29 18.98 -3.07 17.36
CA SER A 29 19.25 -1.95 18.26
C SER A 29 18.96 -0.56 17.71
N GLY A 30 19.03 -0.38 16.40
CA GLY A 30 18.92 0.98 15.88
C GLY A 30 20.26 1.74 15.89
N ARG A 31 21.36 1.04 16.19
CA ARG A 31 22.67 1.68 16.17
C ARG A 31 23.09 1.91 14.75
N THR A 32 23.75 3.04 14.52
CA THR A 32 24.19 3.41 13.19
C THR A 32 25.65 3.84 13.17
N LEU A 33 26.31 3.46 12.07
CA LEU A 33 27.57 4.04 11.67
C LEU A 33 27.22 4.86 10.45
N SER A 34 27.70 6.10 10.36
CA SER A 34 27.30 6.90 9.22
C SER A 34 28.37 7.88 8.77
N TYR A 35 28.35 8.17 7.48
CA TYR A 35 29.32 9.07 6.84
C TYR A 35 28.66 9.70 5.62
N ARG A 36 28.51 11.03 5.64
CA ARG A 36 27.79 11.76 4.59
C ARG A 36 26.37 11.24 4.49
N ALA A 37 25.84 10.83 5.62
CA ALA A 37 24.59 10.13 5.66
C ALA A 37 23.45 10.95 5.10
N ASP A 38 23.54 12.26 5.17
CA ASP A 38 22.46 13.15 4.77
C ASP A 38 22.72 13.88 3.46
N GLU A 39 23.76 13.49 2.73
CA GLU A 39 24.05 14.06 1.42
C GLU A 39 23.42 13.22 0.34
N ARG A 40 23.09 13.85 -0.78
CA ARG A 40 22.45 13.12 -1.87
C ARG A 40 23.46 12.37 -2.78
N PHE A 41 23.06 11.17 -3.20
CA PHE A 41 23.79 10.36 -4.21
C PHE A 41 22.80 9.80 -5.22
N PRO A 42 23.27 9.54 -6.44
CA PRO A 42 22.39 8.84 -7.38
C PRO A 42 22.19 7.38 -6.99
N MET A 43 20.95 6.92 -7.12
CA MET A 43 20.62 5.56 -6.75
CA MET A 43 20.58 5.54 -6.77
C MET A 43 21.08 4.52 -7.76
N MET A 44 21.11 4.92 -9.05
CA MET A 44 21.36 4.00 -10.15
C MET A 44 20.46 2.77 -9.96
N SER A 45 20.94 1.58 -10.26
CA SER A 45 20.06 0.40 -10.15
C SER A 45 19.63 -0.01 -8.74
N THR A 46 20.16 0.59 -7.67
CA THR A 46 19.69 0.23 -6.35
C THR A 46 18.18 0.55 -6.24
N PHE A 47 17.67 1.43 -7.10
CA PHE A 47 16.25 1.78 -7.00
C PHE A 47 15.38 0.57 -7.32
N LYS A 48 15.95 -0.41 -8.02
CA LYS A 48 15.14 -1.57 -8.44
C LYS A 48 14.55 -2.39 -7.29
N VAL A 49 15.18 -2.33 -6.12
CA VAL A 49 14.65 -3.01 -4.94
C VAL A 49 13.38 -2.29 -4.48
N LEU A 50 13.34 -0.97 -4.60
CA LEU A 50 12.17 -0.20 -4.18
C LEU A 50 11.04 -0.45 -5.13
N LEU A 51 11.40 -0.51 -6.40
CA LEU A 51 10.43 -0.72 -7.48
C LEU A 51 9.70 -2.03 -7.22
N CYS A 52 10.46 -3.07 -6.90
CA CYS A 52 9.86 -4.36 -6.69
C CYS A 52 9.07 -4.37 -5.38
N GLY A 53 9.51 -3.59 -4.39
CA GLY A 53 8.73 -3.41 -3.18
C GLY A 53 7.32 -2.88 -3.49
N ALA A 54 7.24 -1.86 -4.34
CA ALA A 54 5.95 -1.26 -4.73
C ALA A 54 5.07 -2.22 -5.54
N VAL A 55 5.70 -3.06 -6.37
CA VAL A 55 4.97 -4.05 -7.14
C VAL A 55 4.36 -5.07 -6.16
N LEU A 56 5.15 -5.53 -5.21
CA LEU A 56 4.66 -6.52 -4.24
C LEU A 56 3.56 -5.94 -3.35
N ALA A 57 3.60 -4.63 -3.08
CA ALA A 57 2.51 -4.01 -2.31
C ALA A 57 1.20 -4.14 -3.07
N ARG A 58 1.29 -3.96 -4.37
CA ARG A 58 0.12 -4.12 -5.22
C ARG A 58 -0.30 -5.58 -5.31
N VAL A 59 0.66 -6.50 -5.24
CA VAL A 59 0.30 -7.90 -5.18
C VAL A 59 -0.49 -8.16 -3.89
N ASP A 60 0.03 -7.67 -2.77
CA ASP A 60 -0.64 -7.84 -1.47
C ASP A 60 -2.07 -7.31 -1.49
N ALA A 61 -2.31 -6.22 -2.20
CA ALA A 61 -3.63 -5.58 -2.21
C ALA A 61 -4.58 -6.18 -3.27
N GLY A 62 -4.11 -7.13 -4.09
CA GLY A 62 -4.95 -7.80 -5.06
C GLY A 62 -5.03 -7.08 -6.40
N LEU A 63 -4.28 -6.00 -6.54
CA LEU A 63 -4.27 -5.23 -7.76
C LEU A 63 -3.30 -5.78 -8.81
N GLU A 64 -2.31 -6.55 -8.39
CA GLU A 64 -1.36 -7.13 -9.31
C GLU A 64 -1.33 -8.62 -9.01
N GLN A 65 -0.88 -9.40 -9.99
CA GLN A 65 -0.70 -10.85 -9.82
C GLN A 65 0.69 -11.21 -10.29
N LEU A 66 1.37 -12.09 -9.57
CA LEU A 66 2.75 -12.43 -9.91
C LEU A 66 2.89 -13.29 -11.16
N ASP A 67 1.85 -14.05 -11.46
CA ASP A 67 1.81 -14.92 -12.64
C ASP A 67 1.22 -14.24 -13.87
N ARG A 68 0.88 -12.97 -13.76
CA ARG A 68 0.42 -12.21 -14.92
C ARG A 68 1.53 -12.07 -15.94
N ARG A 69 1.23 -12.38 -17.20
CA ARG A 69 2.20 -12.30 -18.30
C ARG A 69 2.16 -10.97 -19.08
N ILE A 70 3.33 -10.42 -19.35
CA ILE A 70 3.46 -9.15 -20.04
C ILE A 70 4.18 -9.37 -21.35
N HIS A 71 3.59 -8.86 -22.43
CA HIS A 71 4.18 -8.95 -23.75
C HIS A 71 4.71 -7.58 -24.13
N TYR A 72 5.88 -7.57 -24.75
CA TYR A 72 6.55 -6.34 -25.14
C TYR A 72 7.22 -6.54 -26.49
N ARG A 73 7.71 -5.45 -27.06
CA ARG A 73 8.24 -5.42 -28.42
C ARG A 73 9.74 -5.16 -28.44
N GLN A 74 10.38 -5.44 -29.57
CA GLN A 74 11.80 -5.14 -29.73
C GLN A 74 12.10 -3.66 -29.56
N GLN A 75 11.08 -2.85 -29.86
CA GLN A 75 11.12 -1.39 -29.70
C GLN A 75 11.30 -1.00 -28.22
N ASP A 76 10.73 -1.81 -27.32
CA ASP A 76 10.74 -1.51 -25.89
C ASP A 76 12.08 -1.80 -25.20
N LEU A 77 13.02 -2.44 -25.90
CA LEU A 77 14.30 -2.79 -25.31
C LEU A 77 15.22 -1.60 -25.20
N VAL A 78 15.83 -1.46 -24.03
CA VAL A 78 16.89 -0.50 -23.84
C VAL A 78 18.22 -1.26 -23.65
N GLU A 79 19.32 -0.53 -23.59
CA GLU A 79 20.63 -1.11 -23.39
C GLU A 79 20.64 -1.99 -22.12
N TYR A 80 21.42 -3.07 -22.14
CA TYR A 80 21.54 -4.03 -21.03
C TYR A 80 20.22 -4.67 -20.56
N SER A 81 19.74 -5.59 -21.38
CA SER A 81 18.49 -6.30 -21.15
C SER A 81 18.73 -7.76 -21.47
N PRO A 82 19.65 -8.39 -20.72
CA PRO A 82 20.14 -9.75 -20.99
C PRO A 82 19.09 -10.85 -20.82
N VAL A 83 18.11 -10.66 -19.93
CA VAL A 83 17.04 -11.63 -19.76
C VAL A 83 15.87 -11.33 -20.70
N THR A 84 15.43 -10.07 -20.70
CA THR A 84 14.22 -9.71 -21.41
C THR A 84 14.38 -9.85 -22.92
N GLU A 85 15.59 -9.79 -23.44
CA GLU A 85 15.78 -9.90 -24.87
C GLU A 85 15.63 -11.37 -25.33
N LYS A 86 15.74 -12.31 -24.40
CA LYS A 86 15.58 -13.73 -24.72
C LYS A 86 14.12 -14.19 -24.79
N HIS A 87 13.20 -13.36 -24.31
CA HIS A 87 11.80 -13.78 -24.17
C HIS A 87 10.86 -12.87 -24.95
N LEU A 88 11.39 -12.34 -26.04
CA LEU A 88 10.66 -11.40 -26.87
C LEU A 88 9.37 -12.02 -27.41
N ALA A 89 9.38 -13.34 -27.59
CA ALA A 89 8.25 -13.99 -28.26
C ALA A 89 7.18 -14.44 -27.27
N ASP A 90 7.60 -14.88 -26.10
N ASP A 90 7.61 -14.90 -26.10
CA ASP A 90 6.69 -15.51 -25.16
CA ASP A 90 6.69 -15.51 -25.15
C ASP A 90 6.32 -14.58 -24.02
C ASP A 90 6.29 -14.55 -24.05
N GLY A 91 7.03 -13.45 -23.92
CA GLY A 91 6.82 -12.50 -22.83
C GLY A 91 7.29 -13.03 -21.48
N MET A 92 7.05 -12.28 -20.41
CA MET A 92 7.52 -12.68 -19.07
C MET A 92 6.45 -12.40 -18.02
N THR A 93 6.41 -13.18 -16.94
CA THR A 93 5.52 -12.84 -15.86
C THR A 93 6.10 -11.70 -15.04
N VAL A 94 5.20 -11.04 -14.33
CA VAL A 94 5.57 -10.03 -13.36
C VAL A 94 6.65 -10.57 -12.46
N ALA A 95 6.47 -11.80 -11.95
CA ALA A 95 7.49 -12.40 -11.08
C ALA A 95 8.83 -12.57 -11.76
N GLU A 96 8.82 -13.00 -13.01
CA GLU A 96 10.04 -13.18 -13.79
C GLU A 96 10.75 -11.85 -14.06
N LEU A 97 9.96 -10.82 -14.34
CA LEU A 97 10.50 -9.52 -14.52
C LEU A 97 11.14 -8.96 -13.21
N CYS A 98 10.50 -9.18 -12.07
CA CYS A 98 11.11 -8.75 -10.81
C CYS A 98 12.44 -9.47 -10.64
N ALA A 99 12.48 -10.77 -10.90
CA ALA A 99 13.71 -11.52 -10.67
C ALA A 99 14.79 -10.98 -11.62
N ALA A 100 14.42 -10.74 -12.88
CA ALA A 100 15.41 -10.23 -13.83
C ALA A 100 15.93 -8.85 -13.40
N ALA A 101 15.03 -8.03 -12.89
CA ALA A 101 15.41 -6.65 -12.59
C ALA A 101 16.40 -6.67 -11.43
N ILE A 102 16.22 -7.63 -10.51
CA ILE A 102 17.00 -7.61 -9.28
C ILE A 102 18.22 -8.47 -9.41
N THR A 103 18.07 -9.68 -9.97
CA THR A 103 19.21 -10.61 -10.00
C THR A 103 20.21 -10.29 -11.11
N MET A 104 19.72 -9.72 -12.22
CA MET A 104 20.57 -9.38 -13.35
CA MET A 104 20.57 -9.38 -13.37
C MET A 104 20.63 -7.88 -13.62
N SER A 105 19.76 -7.12 -12.98
CA SER A 105 19.71 -5.68 -13.20
C SER A 105 19.26 -5.39 -14.64
N ASP A 106 18.46 -6.29 -15.18
CA ASP A 106 17.90 -6.09 -16.51
C ASP A 106 17.14 -4.74 -16.58
N ASN A 107 17.54 -3.86 -17.50
CA ASN A 107 16.95 -2.50 -17.56
C ASN A 107 15.56 -2.44 -18.17
N THR A 108 15.33 -3.22 -19.21
CA THR A 108 14.02 -3.22 -19.84
C THR A 108 13.02 -3.80 -18.88
N ALA A 109 13.44 -4.80 -18.10
CA ALA A 109 12.55 -5.37 -17.08
C ALA A 109 12.10 -4.30 -16.07
N ALA A 110 13.04 -3.46 -15.66
CA ALA A 110 12.74 -2.40 -14.71
C ALA A 110 11.72 -1.45 -15.32
N ASN A 111 11.98 -1.02 -16.55
CA ASN A 111 11.04 -0.09 -17.22
C ASN A 111 9.64 -0.71 -17.38
N LEU A 112 9.57 -2.00 -17.67
CA LEU A 112 8.25 -2.64 -17.79
C LEU A 112 7.49 -2.57 -16.46
N LEU A 113 8.14 -2.94 -15.36
CA LEU A 113 7.52 -2.89 -14.03
C LEU A 113 7.18 -1.45 -13.61
N LEU A 114 8.04 -0.51 -13.99
CA LEU A 114 7.80 0.91 -13.70
C LEU A 114 6.48 1.34 -14.32
N ALA A 115 6.25 0.92 -15.55
CA ALA A 115 5.02 1.31 -16.22
C ALA A 115 3.77 0.82 -15.48
N THR A 116 3.87 -0.31 -14.80
CA THR A 116 2.72 -0.88 -14.08
C THR A 116 2.39 -0.15 -12.79
N ILE A 117 3.34 0.64 -12.26
CA ILE A 117 3.06 1.34 -11.01
C ILE A 117 2.95 2.86 -11.22
N GLY A 118 2.98 3.32 -12.47
CA GLY A 118 2.69 4.72 -12.78
C GLY A 118 3.94 5.52 -13.10
N GLY A 119 4.99 4.83 -13.55
CA GLY A 119 6.26 5.46 -13.88
C GLY A 119 7.04 5.96 -12.67
N PRO A 120 8.09 6.75 -12.89
CA PRO A 120 8.91 7.36 -11.83
C PRO A 120 8.09 8.09 -10.75
N ALA A 121 7.14 8.94 -11.14
CA ALA A 121 6.30 9.66 -10.18
C ALA A 121 5.45 8.71 -9.35
N GLY A 122 5.08 7.57 -9.94
CA GLY A 122 4.37 6.54 -9.22
C GLY A 122 5.22 5.96 -8.10
N LEU A 123 6.49 5.68 -8.39
CA LEU A 123 7.36 5.15 -7.36
C LEU A 123 7.61 6.23 -6.32
N THR A 124 7.71 7.47 -6.75
CA THR A 124 8.01 8.53 -5.79
C THR A 124 6.81 8.75 -4.86
N ALA A 125 5.60 8.72 -5.41
CA ALA A 125 4.42 8.78 -4.55
C ALA A 125 4.38 7.63 -3.52
N PHE A 126 4.57 6.40 -3.98
CA PHE A 126 4.63 5.25 -3.07
C PHE A 126 5.59 5.55 -1.91
N LEU A 127 6.78 6.07 -2.24
CA LEU A 127 7.77 6.37 -1.22
C LEU A 127 7.27 7.41 -0.23
N ARG A 128 6.61 8.44 -0.74
CA ARG A 128 6.13 9.49 0.13
C ARG A 128 5.08 8.88 1.03
N ASN A 129 4.28 8.00 0.46
CA ASN A 129 3.22 7.41 1.27
C ASN A 129 3.72 6.49 2.35
N ILE A 130 4.95 5.99 2.24
CA ILE A 130 5.47 5.16 3.30
C ILE A 130 6.44 5.93 4.18
N GLY A 131 6.54 7.24 4.01
CA GLY A 131 7.26 8.04 5.00
C GLY A 131 8.68 8.44 4.62
N ASP A 132 9.05 8.26 3.36
CA ASP A 132 10.37 8.67 2.87
C ASP A 132 10.16 9.98 2.08
N ASN A 133 10.70 11.09 2.57
CA ASN A 133 10.49 12.38 1.89
C ASN A 133 11.74 12.83 1.20
N VAL A 134 12.69 11.92 1.01
CA VAL A 134 13.96 12.31 0.43
C VAL A 134 14.15 11.67 -0.93
N THR A 135 13.97 10.36 -0.98
CA THR A 135 14.23 9.57 -2.17
C THR A 135 13.29 9.94 -3.30
N ARG A 136 13.82 10.01 -4.51
CA ARG A 136 12.99 10.38 -5.65
C ARG A 136 13.47 9.74 -6.94
N LEU A 137 12.52 9.29 -7.74
CA LEU A 137 12.83 8.80 -9.06
C LEU A 137 12.12 9.71 -10.05
N ASP A 138 12.85 10.14 -11.06
CA ASP A 138 12.38 11.16 -11.98
C ASP A 138 12.42 10.67 -13.42
N ARG A 139 13.35 9.74 -13.70
CA ARG A 139 13.53 9.26 -15.06
C ARG A 139 13.47 7.76 -15.20
N TRP A 140 13.44 7.29 -16.45
CA TRP A 140 13.45 5.84 -16.72
C TRP A 140 14.87 5.36 -17.00
N GLU A 141 15.03 4.05 -17.24
CA GLU A 141 16.29 3.50 -17.69
C GLU A 141 16.44 3.85 -19.17
N THR A 142 17.61 4.35 -19.59
CA THR A 142 18.80 4.38 -18.75
C THR A 142 19.25 5.77 -18.40
N GLU A 143 18.43 6.77 -18.75
CA GLU A 143 18.73 8.17 -18.48
C GLU A 143 18.94 8.46 -16.98
N LEU A 144 18.30 7.68 -16.10
CA LEU A 144 18.38 7.95 -14.66
C LEU A 144 19.78 7.72 -14.07
N ASN A 145 20.72 7.14 -14.84
CA ASN A 145 22.08 6.93 -14.32
C ASN A 145 23.06 8.04 -14.68
N GLU A 146 22.55 9.18 -15.12
CA GLU A 146 23.42 10.24 -15.66
C GLU A 146 24.32 10.90 -14.59
N ALA A 147 23.79 11.02 -13.38
CA ALA A 147 24.56 11.41 -12.20
C ALA A 147 25.28 12.74 -12.33
N LEU A 148 24.61 13.76 -12.88
CA LEU A 148 25.17 15.11 -12.90
C LEU A 148 25.29 15.64 -11.46
N PRO A 149 26.45 16.26 -11.14
CA PRO A 149 26.68 16.83 -9.82
C PRO A 149 25.68 17.91 -9.50
N GLY A 150 25.10 17.87 -8.30
CA GLY A 150 24.19 18.92 -7.86
C GLY A 150 22.75 18.67 -8.29
N ASP A 151 22.57 17.73 -9.21
CA ASP A 151 21.24 17.41 -9.72
C ASP A 151 20.58 16.43 -8.74
N GLU A 152 19.39 16.81 -8.28
CA GLU A 152 18.70 16.08 -7.24
C GLU A 152 17.80 15.00 -7.81
N ARG A 153 17.74 14.89 -9.13
CA ARG A 153 16.92 13.86 -9.78
C ARG A 153 17.50 12.46 -9.52
N ASP A 154 16.62 11.48 -9.30
CA ASP A 154 17.05 10.09 -9.17
C ASP A 154 18.11 9.91 -8.08
N THR A 155 17.90 10.62 -6.96
CA THR A 155 18.81 10.56 -5.82
C THR A 155 18.09 10.10 -4.57
N THR A 156 18.88 9.67 -3.59
CA THR A 156 18.40 9.39 -2.25
C THR A 156 19.56 9.84 -1.39
N THR A 157 19.46 9.71 -0.05
CA THR A 157 20.61 9.83 0.85
C THR A 157 20.79 8.47 1.52
N PRO A 158 22.00 8.18 1.98
CA PRO A 158 22.25 6.89 2.64
C PRO A 158 21.31 6.67 3.83
N ALA A 159 21.06 7.72 4.61
CA ALA A 159 20.16 7.60 5.76
C ALA A 159 18.74 7.25 5.32
N ALA A 160 18.22 7.95 4.31
CA ALA A 160 16.85 7.72 3.87
C ALA A 160 16.72 6.31 3.21
N MET A 161 17.72 5.94 2.42
CA MET A 161 17.69 4.63 1.78
C MET A 161 17.63 3.55 2.89
N ALA A 162 18.53 3.63 3.86
CA ALA A 162 18.61 2.59 4.90
C ALA A 162 17.29 2.46 5.66
N ALA A 163 16.66 3.60 5.94
CA ALA A 163 15.41 3.65 6.68
C ALA A 163 14.26 3.02 5.88
N THR A 164 14.21 3.37 4.61
CA THR A 164 13.23 2.80 3.73
C THR A 164 13.45 1.29 3.55
N LEU A 165 14.67 0.83 3.29
CA LEU A 165 14.91 -0.60 3.21
C LEU A 165 14.50 -1.31 4.50
N ARG A 166 14.72 -0.67 5.63
CA ARG A 166 14.36 -1.30 6.88
CA ARG A 166 14.36 -1.30 6.88
C ARG A 166 12.84 -1.51 6.95
N LYS A 167 12.09 -0.50 6.55
CA LYS A 167 10.63 -0.60 6.49
C LYS A 167 10.17 -1.70 5.53
N LEU A 168 10.70 -1.68 4.28
CA LEU A 168 10.29 -2.62 3.25
C LEU A 168 10.66 -4.06 3.60
N LEU A 169 11.93 -4.27 3.97
CA LEU A 169 12.44 -5.65 4.10
C LEU A 169 12.13 -6.27 5.46
N THR A 170 11.92 -5.43 6.46
CA THR A 170 11.83 -5.91 7.83
CA THR A 170 11.78 -5.95 7.83
C THR A 170 10.60 -5.34 8.54
N GLY A 171 9.88 -4.46 7.86
CA GLY A 171 8.75 -3.80 8.49
C GLY A 171 7.43 -4.47 8.18
N GLU A 172 6.36 -3.68 8.25
CA GLU A 172 5.00 -4.21 8.17
CA GLU A 172 4.98 -4.16 8.21
C GLU A 172 4.23 -3.74 6.92
N ILE A 173 4.90 -2.97 6.07
CA ILE A 173 4.35 -2.51 4.79
C ILE A 173 3.94 -3.67 3.87
N LEU A 174 4.85 -4.63 3.64
CA LEU A 174 4.54 -5.82 2.85
C LEU A 174 4.12 -6.95 3.74
N SER A 175 3.35 -7.91 3.20
CA SER A 175 2.99 -9.14 3.93
C SER A 175 4.27 -9.95 4.18
N ALA A 176 4.18 -10.93 5.09
CA ALA A 176 5.31 -11.81 5.42
C ALA A 176 5.90 -12.52 4.18
N ALA A 177 5.01 -13.01 3.34
CA ALA A 177 5.41 -13.75 2.14
C ALA A 177 6.07 -12.82 1.12
N SER A 178 5.53 -11.61 0.97
CA SER A 178 6.11 -10.65 0.03
C SER A 178 7.50 -10.17 0.50
N ARG A 179 7.64 -9.87 1.78
CA ARG A 179 8.94 -9.53 2.39
C ARG A 179 9.97 -10.62 2.07
N GLN A 180 9.60 -11.87 2.34
CA GLN A 180 10.51 -12.98 2.09
C GLN A 180 10.84 -13.07 0.59
N GLN A 181 9.84 -12.81 -0.25
CA GLN A 181 10.06 -12.93 -1.69
C GLN A 181 11.07 -11.88 -2.17
N LEU A 182 10.97 -10.67 -1.64
CA LEU A 182 11.86 -9.59 -2.03
C LEU A 182 13.28 -9.92 -1.61
N ILE A 183 13.45 -10.44 -0.40
CA ILE A 183 14.79 -10.77 0.11
C ILE A 183 15.41 -11.90 -0.68
N THR A 184 14.57 -12.86 -1.01
CA THR A 184 15.00 -14.03 -1.79
C THR A 184 15.59 -13.66 -3.16
N TRP A 185 14.95 -12.73 -3.88
CA TRP A 185 15.51 -12.22 -5.13
C TRP A 185 16.87 -11.53 -4.89
N MET A 186 17.00 -10.82 -3.77
CA MET A 186 18.27 -10.17 -3.47
CA MET A 186 18.26 -10.16 -3.43
C MET A 186 19.39 -11.14 -3.09
N VAL A 187 19.07 -12.16 -2.31
CA VAL A 187 20.02 -13.22 -2.04
C VAL A 187 20.58 -13.82 -3.35
N ALA A 188 19.75 -13.91 -4.39
CA ALA A 188 20.10 -14.59 -5.65
C ALA A 188 20.82 -13.68 -6.69
N ASP A 189 21.19 -12.49 -6.25
CA ASP A 189 21.94 -11.54 -7.04
C ASP A 189 23.13 -12.21 -7.75
N LYS A 190 23.24 -12.02 -9.06
CA LYS A 190 24.23 -12.70 -9.90
C LYS A 190 25.31 -11.75 -10.34
N VAL A 191 25.20 -10.46 -10.03
CA VAL A 191 26.18 -9.52 -10.60
C VAL A 191 26.94 -8.67 -9.58
N ALA A 192 26.99 -9.14 -8.34
CA ALA A 192 27.59 -8.37 -7.25
C ALA A 192 28.79 -9.08 -6.67
N GLY A 193 29.33 -10.05 -7.42
CA GLY A 193 30.43 -10.86 -6.94
C GLY A 193 31.66 -10.12 -6.40
N PRO A 194 32.12 -9.10 -7.13
CA PRO A 194 33.39 -8.42 -6.81
C PRO A 194 33.28 -7.42 -5.66
N LEU A 195 32.10 -7.30 -5.07
CA LEU A 195 31.91 -6.28 -4.05
C LEU A 195 31.86 -6.90 -2.66
N LEU A 196 30.77 -6.74 -1.92
CA LEU A 196 30.73 -7.24 -0.54
C LEU A 196 30.94 -8.73 -0.50
N ARG A 197 30.29 -9.43 -1.42
CA ARG A 197 30.46 -10.88 -1.53
C ARG A 197 31.93 -11.36 -1.59
N SER A 198 32.84 -10.54 -2.11
CA SER A 198 34.22 -10.97 -2.29
C SER A 198 35.02 -10.95 -1.01
N VAL A 199 34.49 -10.32 0.04
CA VAL A 199 35.19 -10.23 1.33
C VAL A 199 34.38 -10.82 2.48
N LEU A 200 33.34 -11.55 2.14
CA LEU A 200 32.41 -12.07 3.14
C LEU A 200 32.83 -13.47 3.64
N PRO A 201 33.04 -13.62 4.97
CA PRO A 201 33.42 -14.91 5.56
C PRO A 201 32.38 -15.96 5.27
N ALA A 202 32.80 -17.21 5.39
CA ALA A 202 31.90 -18.31 5.14
C ALA A 202 30.80 -18.30 6.19
N GLY A 203 29.59 -18.64 5.76
CA GLY A 203 28.48 -18.83 6.68
C GLY A 203 27.66 -17.59 6.87
N TRP A 204 28.08 -16.49 6.24
CA TRP A 204 27.41 -15.21 6.41
C TRP A 204 26.26 -15.08 5.46
N PHE A 205 25.19 -14.48 5.95
CA PHE A 205 24.07 -14.13 5.09
C PHE A 205 24.37 -12.84 4.33
N ILE A 206 24.06 -12.83 3.02
CA ILE A 206 24.00 -11.55 2.30
C ILE A 206 22.83 -11.50 1.29
N ALA A 207 22.17 -10.35 1.23
CA ALA A 207 21.20 -10.10 0.17
C ALA A 207 21.47 -8.69 -0.31
N ASP A 208 21.78 -8.52 -1.60
CA ASP A 208 22.19 -7.20 -2.07
C ASP A 208 21.63 -6.83 -3.43
N LYS A 209 21.83 -5.56 -3.77
CA LYS A 209 21.55 -5.03 -5.08
C LYS A 209 22.60 -3.97 -5.38
N THR A 210 23.20 -4.04 -6.55
CA THR A 210 24.21 -3.08 -7.00
C THR A 210 23.70 -2.01 -7.99
N GLY A 211 24.48 -0.93 -8.11
CA GLY A 211 24.23 0.09 -9.09
C GLY A 211 25.56 0.58 -9.65
N ALA A 212 25.51 1.10 -10.86
CA ALA A 212 26.63 1.82 -11.46
C ALA A 212 26.05 2.89 -12.32
N GLY A 213 26.79 3.97 -12.49
CA GLY A 213 26.30 5.11 -13.24
C GLY A 213 27.42 5.96 -13.79
N GLU A 214 27.05 7.07 -14.38
CA GLU A 214 28.04 7.92 -15.00
C GLU A 214 28.82 8.70 -13.95
N ARG A 215 29.86 9.40 -14.40
CA ARG A 215 30.68 10.18 -13.49
CA ARG A 215 30.73 10.17 -13.52
C ARG A 215 31.29 9.32 -12.39
N GLY A 216 31.68 8.09 -12.73
CA GLY A 216 32.33 7.17 -11.83
C GLY A 216 31.47 6.68 -10.69
N SER A 217 30.18 6.49 -10.96
CA SER A 217 29.26 6.20 -9.87
C SER A 217 29.15 4.71 -9.65
N ARG A 218 29.02 4.36 -8.38
CA ARG A 218 28.84 2.96 -8.01
C ARG A 218 28.11 2.91 -6.66
N GLY A 219 27.30 1.89 -6.45
CA GLY A 219 26.57 1.80 -5.19
C GLY A 219 26.20 0.37 -4.82
N ILE A 220 25.87 0.14 -3.55
CA ILE A 220 25.37 -1.14 -3.17
C ILE A 220 24.56 -1.03 -1.93
N ILE A 221 23.45 -1.77 -1.90
CA ILE A 221 22.61 -1.83 -0.71
C ILE A 221 22.52 -3.30 -0.32
N ALA A 222 22.59 -3.59 0.97
CA ALA A 222 22.76 -4.97 1.40
C ALA A 222 22.20 -5.20 2.78
N VAL A 223 21.69 -6.41 2.94
CA VAL A 223 21.30 -6.91 4.23
C VAL A 223 22.26 -8.05 4.48
N LEU A 224 22.95 -7.94 5.60
CA LEU A 224 24.12 -8.73 5.93
CA LEU A 224 23.94 -8.97 5.91
C LEU A 224 24.09 -9.25 7.36
N GLY A 225 24.71 -10.40 7.62
CA GLY A 225 24.87 -10.90 8.97
C GLY A 225 25.63 -12.20 9.11
N PRO A 226 26.21 -12.43 10.29
CA PRO A 226 26.90 -13.69 10.59
C PRO A 226 25.91 -14.83 10.86
N ASP A 227 26.37 -16.06 10.74
CA ASP A 227 25.58 -17.21 11.16
C ASP A 227 24.29 -17.30 10.38
N GLY A 228 24.34 -16.96 9.11
CA GLY A 228 23.25 -17.24 8.20
C GLY A 228 22.00 -16.43 8.39
N LYS A 229 22.05 -15.42 9.24
CA LYS A 229 20.88 -14.56 9.36
C LYS A 229 21.17 -13.08 9.21
N PRO A 230 20.22 -12.36 8.64
CA PRO A 230 20.42 -10.94 8.37
C PRO A 230 20.37 -10.21 9.70
N SER A 231 21.31 -9.31 9.95
CA SER A 231 21.27 -8.55 11.20
C SER A 231 21.46 -7.04 11.00
N ARG A 232 22.08 -6.63 9.89
CA ARG A 232 22.27 -5.20 9.62
C ARG A 232 22.02 -4.81 8.17
N ILE A 233 21.67 -3.55 7.96
CA ILE A 233 21.51 -3.03 6.62
C ILE A 233 22.72 -2.16 6.34
N VAL A 234 23.30 -2.34 5.17
CA VAL A 234 24.44 -1.54 4.74
C VAL A 234 24.18 -0.87 3.41
N VAL A 235 24.37 0.43 3.37
CA VAL A 235 24.24 1.15 2.11
CA VAL A 235 24.22 1.20 2.13
C VAL A 235 25.50 1.94 1.82
N ILE A 236 26.08 1.70 0.65
CA ILE A 236 27.30 2.38 0.23
C ILE A 236 27.11 3.01 -1.12
N TYR A 237 27.34 4.32 -1.22
CA TYR A 237 27.31 5.02 -2.51
C TYR A 237 28.60 5.78 -2.70
N LEU A 238 29.09 5.79 -3.94
CA LEU A 238 30.21 6.63 -4.29
C LEU A 238 29.99 7.19 -5.69
N THR A 239 30.42 8.44 -5.88
CA THR A 239 30.20 9.14 -7.14
C THR A 239 31.27 10.25 -7.36
N GLU A 240 31.24 10.90 -8.52
CA GLU A 240 32.18 11.99 -8.87
C GLU A 240 33.63 11.53 -8.83
N THR A 241 33.91 10.38 -9.46
CA THR A 241 35.29 9.90 -9.58
C THR A 241 35.63 9.42 -11.00
N GLN A 242 36.92 9.36 -11.33
N GLN A 242 36.92 9.35 -11.30
CA GLN A 242 37.33 8.94 -12.66
CA GLN A 242 37.37 8.96 -12.64
C GLN A 242 37.93 7.54 -12.59
C GLN A 242 37.95 7.55 -12.59
N ALA A 243 37.72 6.88 -11.46
CA ALA A 243 38.25 5.58 -11.23
C ALA A 243 37.68 4.58 -12.21
N SER A 244 38.52 3.64 -12.61
CA SER A 244 38.09 2.43 -13.27
C SER A 244 36.94 1.77 -12.51
N MET A 245 36.21 0.88 -13.18
N MET A 245 36.24 0.88 -13.18
CA MET A 245 35.09 0.23 -12.55
CA MET A 245 35.10 0.23 -12.58
C MET A 245 35.57 -0.72 -11.46
C MET A 245 35.55 -0.73 -11.49
N ASP A 246 36.51 -1.60 -11.79
CA ASP A 246 36.91 -2.60 -10.82
C ASP A 246 37.86 -1.98 -9.77
N GLU A 247 38.28 -0.75 -10.03
CA GLU A 247 38.87 0.06 -8.98
C GLU A 247 37.78 0.57 -7.99
N ARG A 248 36.59 0.91 -8.51
CA ARG A 248 35.46 1.28 -7.66
C ARG A 248 34.97 0.05 -6.89
N ASN A 249 34.97 -1.10 -7.52
CA ASN A 249 34.63 -2.31 -6.81
C ASN A 249 35.62 -2.54 -5.67
N GLN A 250 36.90 -2.39 -5.96
CA GLN A 250 37.91 -2.71 -4.97
C GLN A 250 37.74 -1.82 -3.73
N GLN A 251 37.48 -0.54 -3.92
CA GLN A 251 37.32 0.36 -2.77
C GLN A 251 36.07 0.01 -1.93
N ILE A 252 34.99 -0.39 -2.59
CA ILE A 252 33.82 -0.86 -1.87
C ILE A 252 34.15 -2.13 -1.09
N ALA A 253 34.85 -3.06 -1.74
CA ALA A 253 35.25 -4.29 -1.09
C ALA A 253 36.12 -3.97 0.14
N GLU A 254 36.95 -2.94 0.03
CA GLU A 254 37.88 -2.59 1.11
C GLU A 254 37.12 -2.03 2.32
N ILE A 255 36.16 -1.16 2.05
CA ILE A 255 35.26 -0.67 3.07
C ILE A 255 34.50 -1.84 3.70
N GLY A 256 34.11 -2.82 2.89
CA GLY A 256 33.40 -3.99 3.40
C GLY A 256 34.26 -4.80 4.34
N ALA A 257 35.51 -5.00 3.96
CA ALA A 257 36.45 -5.73 4.80
C ALA A 257 36.62 -5.02 6.15
N ALA A 258 36.74 -3.70 6.15
CA ALA A 258 36.85 -2.98 7.43
C ALA A 258 35.56 -3.14 8.27
N LEU A 259 34.42 -3.07 7.61
CA LEU A 259 33.14 -3.26 8.27
C LEU A 259 33.05 -4.65 8.93
N ILE A 260 33.47 -5.68 8.23
CA ILE A 260 33.44 -7.02 8.79
C ILE A 260 34.49 -7.22 9.90
N GLU A 261 35.69 -6.71 9.70
CA GLU A 261 36.69 -6.84 10.73
C GLU A 261 36.25 -6.16 12.01
N HIS A 262 35.59 -5.00 11.89
CA HIS A 262 35.22 -4.22 13.08
C HIS A 262 33.71 -4.25 13.29
N TRP A 263 33.17 -5.44 13.12
CA TRP A 263 31.73 -5.69 13.19
C TRP A 263 31.26 -5.55 14.61
N MET B 1 -32.97 -7.32 -20.86
CA MET B 1 -31.72 -6.59 -21.13
C MET B 1 -31.74 -5.30 -20.35
N HIS B 2 -30.86 -5.17 -19.36
CA HIS B 2 -30.81 -3.97 -18.56
C HIS B 2 -30.45 -2.74 -19.42
N PRO B 3 -31.03 -1.57 -19.09
CA PRO B 3 -30.59 -0.34 -19.77
C PRO B 3 -29.21 0.06 -19.23
N GLN B 4 -28.59 1.02 -19.89
CA GLN B 4 -27.36 1.56 -19.36
C GLN B 4 -27.55 2.00 -17.90
N THR B 5 -26.52 1.76 -17.09
CA THR B 5 -26.56 2.03 -15.65
C THR B 5 -27.12 3.42 -15.32
N LEU B 6 -26.68 4.47 -16.01
CA LEU B 6 -27.17 5.84 -15.70
C LEU B 6 -28.70 5.98 -15.90
N GLU B 7 -29.23 5.31 -16.91
N GLU B 7 -29.23 5.31 -16.91
CA GLU B 7 -30.65 5.34 -17.17
CA GLU B 7 -30.66 5.35 -17.18
C GLU B 7 -31.34 4.49 -16.13
C GLU B 7 -31.36 4.47 -16.15
N GLN B 8 -30.71 3.39 -15.74
CA GLN B 8 -31.27 2.53 -14.69
C GLN B 8 -31.39 3.33 -13.36
N ILE B 9 -30.39 4.12 -13.06
CA ILE B 9 -30.37 4.92 -11.85
C ILE B 9 -31.51 5.94 -11.90
N LYS B 10 -31.72 6.57 -13.04
CA LYS B 10 -32.84 7.54 -13.14
C LYS B 10 -34.23 6.90 -12.93
N GLU B 11 -34.44 5.72 -13.48
CA GLU B 11 -35.70 5.02 -13.31
C GLU B 11 -35.90 4.63 -11.83
N SER B 12 -34.82 4.27 -11.15
CA SER B 12 -34.93 3.82 -9.77
C SER B 12 -35.19 5.04 -8.93
N GLU B 13 -34.53 6.13 -9.25
CA GLU B 13 -34.70 7.35 -8.49
C GLU B 13 -36.17 7.76 -8.59
N SER B 14 -36.69 7.83 -9.81
CA SER B 14 -38.07 8.25 -10.05
C SER B 14 -39.07 7.38 -9.34
N GLN B 15 -38.86 6.09 -9.46
CA GLN B 15 -39.81 5.14 -8.97
C GLN B 15 -39.85 5.15 -7.44
N LEU B 16 -38.75 5.55 -6.81
CA LEU B 16 -38.70 5.65 -5.36
C LEU B 16 -39.10 7.06 -4.95
N SER B 17 -39.12 7.95 -5.93
CA SER B 17 -39.39 9.36 -5.70
C SER B 17 -38.37 9.95 -4.75
N GLY B 18 -37.15 9.42 -4.76
CA GLY B 18 -36.10 9.90 -3.88
C GLY B 18 -34.88 10.56 -4.50
N ARG B 19 -33.77 10.49 -3.78
CA ARG B 19 -32.52 10.99 -4.30
C ARG B 19 -31.50 9.86 -4.28
N VAL B 20 -30.85 9.62 -5.42
CA VAL B 20 -29.90 8.53 -5.50
C VAL B 20 -28.53 9.05 -5.88
N GLY B 21 -27.50 8.68 -5.11
CA GLY B 21 -26.13 8.99 -5.49
C GLY B 21 -25.31 7.75 -5.82
N MET B 22 -24.42 7.82 -6.80
N MET B 22 -24.44 7.84 -6.82
CA MET B 22 -23.52 6.71 -7.03
CA MET B 22 -23.53 6.73 -7.13
C MET B 22 -22.26 7.08 -7.79
C MET B 22 -22.22 7.17 -7.74
N VAL B 23 -21.18 6.40 -7.44
CA VAL B 23 -19.91 6.50 -8.16
C VAL B 23 -19.41 5.07 -8.36
N GLU B 24 -18.96 4.78 -9.56
CA GLU B 24 -18.22 3.56 -9.83
C GLU B 24 -16.80 4.05 -10.16
N LEU B 25 -15.80 3.53 -9.45
CA LEU B 25 -14.44 3.99 -9.64
C LEU B 25 -13.55 2.82 -10.04
N ASP B 26 -12.93 2.92 -11.20
CA ASP B 26 -12.05 1.87 -11.63
C ASP B 26 -10.64 2.03 -11.02
N LEU B 27 -10.17 0.99 -10.35
CA LEU B 27 -8.95 1.04 -9.52
C LEU B 27 -7.68 1.04 -10.32
N ALA B 28 -7.68 0.47 -11.52
CA ALA B 28 -6.52 0.56 -12.38
C ALA B 28 -6.37 1.91 -13.09
N SER B 29 -7.46 2.37 -13.71
CA SER B 29 -7.45 3.51 -14.64
C SER B 29 -7.85 4.84 -14.02
N GLY B 30 -8.72 4.79 -13.01
CA GLY B 30 -9.28 5.99 -12.43
C GLY B 30 -10.55 6.41 -13.17
N ARG B 31 -11.01 5.60 -14.13
CA ARG B 31 -12.24 5.95 -14.88
C ARG B 31 -13.41 5.94 -13.92
N THR B 32 -14.37 6.86 -14.07
CA THR B 32 -15.51 6.91 -13.16
C THR B 32 -16.82 6.93 -13.90
N LEU B 33 -17.83 6.39 -13.25
CA LEU B 33 -19.20 6.52 -13.70
C LEU B 33 -19.89 7.18 -12.52
N SER B 34 -20.47 8.36 -12.75
CA SER B 34 -20.99 9.17 -11.65
C SER B 34 -22.44 9.56 -11.83
N TYR B 35 -23.12 9.75 -10.70
CA TYR B 35 -24.47 10.30 -10.71
C TYR B 35 -24.74 10.95 -9.36
N ARG B 36 -24.80 12.29 -9.36
CA ARG B 36 -24.92 13.07 -8.14
C ARG B 36 -23.72 12.86 -7.23
N ALA B 37 -22.56 12.79 -7.86
CA ALA B 37 -21.33 12.38 -7.18
C ALA B 37 -20.88 13.37 -6.11
N ASP B 38 -21.31 14.61 -6.23
CA ASP B 38 -20.81 15.68 -5.37
C ASP B 38 -21.90 16.18 -4.44
N GLU B 39 -23.04 15.50 -4.41
CA GLU B 39 -24.08 15.80 -3.44
C GLU B 39 -23.84 14.97 -2.17
N ARG B 40 -24.29 15.50 -1.03
CA ARG B 40 -24.10 14.85 0.23
C ARG B 40 -25.22 13.87 0.55
N PHE B 41 -24.83 12.73 1.11
CA PHE B 41 -25.79 11.72 1.53
C PHE B 41 -25.33 11.31 2.93
N PRO B 42 -26.27 10.83 3.77
CA PRO B 42 -25.87 10.26 5.06
C PRO B 42 -25.11 8.96 4.89
N MET B 43 -24.02 8.76 5.64
CA MET B 43 -23.28 7.50 5.56
C MET B 43 -24.05 6.31 6.18
N MET B 44 -24.85 6.58 7.21
CA MET B 44 -25.43 5.51 8.02
C MET B 44 -24.28 4.55 8.40
N SER B 45 -24.56 3.25 8.51
CA SER B 45 -23.51 2.34 8.95
C SER B 45 -22.32 2.17 7.97
N THR B 46 -22.34 2.78 6.79
CA THR B 46 -21.16 2.68 5.91
C THR B 46 -19.93 3.33 6.57
N PHE B 47 -20.14 4.28 7.49
CA PHE B 47 -19.03 4.92 8.19
C PHE B 47 -18.24 3.88 9.01
N LYS B 48 -18.87 2.76 9.35
CA LYS B 48 -18.18 1.82 10.21
C LYS B 48 -16.91 1.31 9.58
N VAL B 49 -16.82 1.33 8.26
CA VAL B 49 -15.59 0.88 7.60
C VAL B 49 -14.47 1.89 7.84
N LEU B 50 -14.78 3.18 7.74
CA LEU B 50 -13.80 4.21 8.04
C LEU B 50 -13.35 4.11 9.51
N LEU B 51 -14.32 3.93 10.41
CA LEU B 51 -14.06 3.77 11.84
C LEU B 51 -13.09 2.64 12.15
N CYS B 52 -13.33 1.46 11.59
CA CYS B 52 -12.37 0.37 11.83
C CYS B 52 -11.01 0.65 11.19
N GLY B 53 -10.97 1.41 10.10
CA GLY B 53 -9.72 1.80 9.48
C GLY B 53 -8.90 2.64 10.44
N ALA B 54 -9.58 3.59 11.11
CA ALA B 54 -8.92 4.46 12.11
C ALA B 54 -8.39 3.62 13.27
N VAL B 55 -9.18 2.65 13.71
CA VAL B 55 -8.76 1.80 14.83
C VAL B 55 -7.56 0.96 14.43
N LEU B 56 -7.58 0.46 13.21
CA LEU B 56 -6.48 -0.39 12.75
C LEU B 56 -5.21 0.45 12.54
N ALA B 57 -5.39 1.71 12.15
CA ALA B 57 -4.24 2.63 12.04
C ALA B 57 -3.54 2.79 13.37
N ARG B 58 -4.34 2.92 14.43
CA ARG B 58 -3.80 3.03 15.80
C ARG B 58 -3.13 1.77 16.25
N VAL B 59 -3.68 0.62 15.86
CA VAL B 59 -3.00 -0.64 16.10
C VAL B 59 -1.65 -0.66 15.40
N ASP B 60 -1.63 -0.26 14.11
CA ASP B 60 -0.37 -0.25 13.36
C ASP B 60 0.67 0.61 14.08
N ALA B 61 0.22 1.68 14.72
CA ALA B 61 1.13 2.61 15.38
C ALA B 61 1.45 2.27 16.84
N GLY B 62 1.02 1.10 17.33
CA GLY B 62 1.29 0.69 18.70
C GLY B 62 0.42 1.39 19.76
N LEU B 63 -0.52 2.22 19.35
CA LEU B 63 -1.40 2.91 20.30
C LEU B 63 -2.60 2.09 20.74
N GLU B 64 -2.81 0.93 20.13
CA GLU B 64 -3.95 0.07 20.44
C GLU B 64 -3.52 -1.37 20.17
N GLN B 65 -4.22 -2.31 20.80
CA GLN B 65 -3.92 -3.73 20.59
C GLN B 65 -5.19 -4.46 20.25
N LEU B 66 -5.13 -5.34 19.27
CA LEU B 66 -6.31 -6.09 18.84
C LEU B 66 -6.96 -6.92 19.94
N ASP B 67 -6.14 -7.40 20.88
CA ASP B 67 -6.59 -8.36 21.89
C ASP B 67 -6.94 -7.70 23.22
N ARG B 68 -6.83 -6.37 23.29
CA ARG B 68 -7.29 -5.62 24.46
C ARG B 68 -8.79 -5.77 24.68
N ARG B 69 -9.17 -6.06 25.92
CA ARG B 69 -10.57 -6.30 26.27
C ARG B 69 -11.28 -5.03 26.76
N ILE B 70 -12.45 -4.76 26.21
CA ILE B 70 -13.24 -3.63 26.65
C ILE B 70 -14.45 -4.07 27.46
N HIS B 71 -14.68 -3.44 28.60
CA HIS B 71 -15.89 -3.71 29.37
C HIS B 71 -16.87 -2.58 29.20
N TYR B 72 -18.15 -2.95 29.18
CA TYR B 72 -19.19 -1.95 29.05
C TYR B 72 -20.40 -2.30 29.92
N ARG B 73 -21.38 -1.42 29.92
CA ARG B 73 -22.51 -1.52 30.83
C ARG B 73 -23.83 -1.61 30.07
N GLN B 74 -24.84 -2.14 30.75
CA GLN B 74 -26.18 -2.16 30.24
C GLN B 74 -26.60 -0.81 29.64
N GLN B 75 -26.14 0.28 30.25
CA GLN B 75 -26.59 1.61 29.86
C GLN B 75 -25.86 2.11 28.61
N ASP B 76 -24.87 1.33 28.17
CA ASP B 76 -24.10 1.64 26.97
C ASP B 76 -24.75 1.03 25.73
N LEU B 77 -25.63 0.05 25.93
CA LEU B 77 -26.32 -0.58 24.82
C LEU B 77 -27.30 0.37 24.14
N VAL B 78 -27.20 0.44 22.82
CA VAL B 78 -28.19 1.13 22.03
C VAL B 78 -28.97 0.13 21.18
N GLU B 79 -29.93 0.66 20.44
N GLU B 79 -29.93 0.66 20.45
CA GLU B 79 -30.82 -0.15 19.61
CA GLU B 79 -30.83 -0.15 19.64
C GLU B 79 -30.02 -0.95 18.59
C GLU B 79 -30.06 -0.93 18.56
N TYR B 80 -30.43 -2.20 18.39
CA TYR B 80 -29.76 -3.11 17.45
C TYR B 80 -28.31 -3.42 17.85
N SER B 81 -28.14 -4.32 18.82
CA SER B 81 -26.80 -4.69 19.27
C SER B 81 -26.74 -6.19 19.45
N PRO B 82 -26.87 -6.91 18.35
CA PRO B 82 -27.05 -8.36 18.40
C PRO B 82 -25.87 -9.10 18.99
N VAL B 83 -24.68 -8.56 18.85
CA VAL B 83 -23.51 -9.28 19.34
C VAL B 83 -23.10 -8.73 20.71
N THR B 84 -23.07 -7.42 20.85
CA THR B 84 -22.59 -6.83 22.08
C THR B 84 -23.54 -7.10 23.23
N GLU B 85 -24.81 -7.34 22.94
CA GLU B 85 -25.75 -7.60 24.03
C GLU B 85 -25.60 -9.02 24.55
N LYS B 86 -24.71 -9.80 23.95
CA LYS B 86 -24.51 -11.15 24.43
C LYS B 86 -23.25 -11.28 25.28
N HIS B 87 -22.49 -10.19 25.41
CA HIS B 87 -21.20 -10.23 26.11
C HIS B 87 -21.06 -9.16 27.20
N LEU B 88 -22.20 -8.67 27.66
CA LEU B 88 -22.26 -7.58 28.62
C LEU B 88 -21.51 -7.91 29.91
N ALA B 89 -21.26 -9.19 30.14
CA ALA B 89 -20.65 -9.66 31.37
C ALA B 89 -19.16 -9.98 31.20
N ASP B 90 -18.81 -10.61 30.07
CA ASP B 90 -17.43 -11.06 29.81
CA ASP B 90 -17.42 -11.04 29.86
C ASP B 90 -16.59 -10.00 29.06
N GLY B 91 -17.28 -9.04 28.45
CA GLY B 91 -16.64 -7.99 27.68
C GLY B 91 -16.22 -8.48 26.31
N MET B 92 -15.68 -7.60 25.48
CA MET B 92 -15.20 -8.00 24.16
C MET B 92 -13.90 -7.35 23.81
N THR B 93 -13.13 -8.04 22.98
N THR B 93 -13.11 -8.04 22.99
CA THR B 93 -11.83 -7.55 22.58
CA THR B 93 -11.83 -7.49 22.58
C THR B 93 -12.03 -6.58 21.40
C THR B 93 -12.05 -6.52 21.43
N VAL B 94 -10.98 -5.82 21.08
CA VAL B 94 -11.06 -4.79 20.03
C VAL B 94 -11.30 -5.45 18.68
N ALA B 95 -10.60 -6.57 18.42
CA ALA B 95 -10.82 -7.37 17.19
C ALA B 95 -12.28 -7.76 17.05
N GLU B 96 -12.88 -8.23 18.16
CA GLU B 96 -14.24 -8.72 18.16
C GLU B 96 -15.24 -7.60 17.89
N LEU B 97 -14.97 -6.40 18.39
CA LEU B 97 -15.91 -5.29 18.24
C LEU B 97 -15.88 -4.83 16.78
N CYS B 98 -14.69 -4.76 16.20
CA CYS B 98 -14.55 -4.46 14.78
C CYS B 98 -15.35 -5.45 13.93
N ALA B 99 -15.18 -6.76 14.17
CA ALA B 99 -15.90 -7.79 13.40
C ALA B 99 -17.41 -7.61 13.59
N ALA B 100 -17.81 -7.32 14.81
CA ALA B 100 -19.23 -7.11 15.11
C ALA B 100 -19.81 -5.89 14.37
N ALA B 101 -19.02 -4.83 14.31
CA ALA B 101 -19.44 -3.57 13.73
C ALA B 101 -19.58 -3.74 12.21
N ILE B 102 -18.70 -4.53 11.64
CA ILE B 102 -18.67 -4.62 10.21
C ILE B 102 -19.53 -5.75 9.67
N THR B 103 -19.46 -6.92 10.29
CA THR B 103 -20.14 -8.05 9.69
C THR B 103 -21.59 -8.09 10.07
N MET B 104 -21.94 -7.47 11.21
CA MET B 104 -23.31 -7.50 11.72
C MET B 104 -23.89 -6.12 11.84
N SER B 105 -23.06 -5.10 11.67
CA SER B 105 -23.49 -3.72 11.86
C SER B 105 -24.04 -3.47 13.26
N ASP B 106 -23.42 -4.11 14.25
CA ASP B 106 -23.72 -3.89 15.67
C ASP B 106 -23.48 -2.42 16.11
N ASN B 107 -24.49 -1.74 16.65
CA ASN B 107 -24.37 -0.28 16.88
C ASN B 107 -23.56 0.11 18.11
N THR B 108 -23.76 -0.64 19.20
CA THR B 108 -23.03 -0.41 20.44
C THR B 108 -21.54 -0.61 20.18
N ALA B 109 -21.20 -1.67 19.44
CA ALA B 109 -19.83 -1.97 19.07
C ALA B 109 -19.16 -0.77 18.41
N ALA B 110 -19.93 -0.03 17.61
CA ALA B 110 -19.39 1.13 16.93
C ALA B 110 -19.14 2.28 17.90
N ASN B 111 -20.07 2.50 18.83
CA ASN B 111 -19.90 3.57 19.81
C ASN B 111 -18.70 3.28 20.69
N LEU B 112 -18.53 2.02 21.07
CA LEU B 112 -17.38 1.62 21.91
C LEU B 112 -16.08 1.91 21.18
N LEU B 113 -16.01 1.60 19.89
CA LEU B 113 -14.77 1.84 19.16
C LEU B 113 -14.56 3.34 18.93
N LEU B 114 -15.65 4.06 18.68
CA LEU B 114 -15.58 5.52 18.51
C LEU B 114 -14.95 6.22 19.73
N ALA B 115 -15.35 5.79 20.92
CA ALA B 115 -14.86 6.36 22.16
C ALA B 115 -13.34 6.32 22.19
N THR B 116 -12.77 5.20 21.73
CA THR B 116 -11.34 4.99 21.79
C THR B 116 -10.55 5.94 20.93
N ILE B 117 -11.16 6.65 19.97
CA ILE B 117 -10.38 7.56 19.11
C ILE B 117 -10.80 9.03 19.28
N GLY B 118 -11.50 9.34 20.37
CA GLY B 118 -11.95 10.70 20.61
C GLY B 118 -13.30 11.03 19.97
N GLY B 119 -14.10 10.00 19.68
CA GLY B 119 -15.43 10.19 19.15
C GLY B 119 -15.47 10.65 17.70
N PRO B 120 -16.62 11.18 17.29
CA PRO B 120 -16.89 11.63 15.93
C PRO B 120 -15.82 12.62 15.47
N ALA B 121 -15.44 13.48 16.40
CA ALA B 121 -14.39 14.44 16.12
C ALA B 121 -13.06 13.75 15.77
N GLY B 122 -12.73 12.67 16.48
CA GLY B 122 -11.52 11.89 16.21
C GLY B 122 -11.53 11.22 14.84
N LEU B 123 -12.65 10.61 14.47
CA LEU B 123 -12.79 10.01 13.15
C LEU B 123 -12.62 11.08 12.10
N THR B 124 -13.25 12.23 12.29
CA THR B 124 -13.20 13.28 11.25
C THR B 124 -11.75 13.74 11.02
N ALA B 125 -11.05 13.98 12.11
CA ALA B 125 -9.65 14.38 12.06
C ALA B 125 -8.75 13.33 11.41
N PHE B 126 -9.07 12.05 11.62
CA PHE B 126 -8.33 10.98 10.96
C PHE B 126 -8.55 11.11 9.45
N LEU B 127 -9.82 11.30 9.10
CA LEU B 127 -10.19 11.52 7.72
C LEU B 127 -9.45 12.69 7.09
N ARG B 128 -9.40 13.84 7.77
CA ARG B 128 -8.72 15.01 7.25
C ARG B 128 -7.23 14.72 7.05
N ASN B 129 -6.67 13.89 7.93
CA ASN B 129 -5.24 13.60 7.87
CA ASN B 129 -5.25 13.57 7.88
C ASN B 129 -4.89 12.69 6.70
N ILE B 130 -5.86 11.95 6.17
CA ILE B 130 -5.55 11.10 5.02
C ILE B 130 -6.05 11.68 3.73
N GLY B 131 -6.48 12.95 3.75
CA GLY B 131 -6.78 13.67 2.51
C GLY B 131 -8.25 13.83 2.14
N ASP B 132 -9.17 13.55 3.08
CA ASP B 132 -10.60 13.68 2.84
C ASP B 132 -11.11 14.91 3.58
N ASN B 133 -11.48 15.93 2.80
CA ASN B 133 -11.96 17.19 3.34
C ASN B 133 -13.46 17.35 3.25
N VAL B 134 -14.17 16.30 2.84
CA VAL B 134 -15.61 16.35 2.66
C VAL B 134 -16.35 15.54 3.76
N THR B 135 -15.93 14.30 3.95
CA THR B 135 -16.61 13.36 4.83
C THR B 135 -16.52 13.83 6.27
N ARG B 136 -17.60 13.67 7.02
CA ARG B 136 -17.60 14.13 8.41
C ARG B 136 -18.56 13.34 9.29
N LEU B 137 -18.09 13.01 10.49
CA LEU B 137 -18.95 12.38 11.47
C LEU B 137 -19.13 13.35 12.62
N ASP B 138 -20.37 13.50 13.09
CA ASP B 138 -20.70 14.49 14.10
C ASP B 138 -21.41 13.88 15.30
N ARG B 139 -22.12 12.77 15.08
CA ARG B 139 -22.90 12.12 16.13
C ARG B 139 -22.55 10.64 16.33
N TRP B 140 -23.15 10.03 17.36
CA TRP B 140 -22.94 8.62 17.71
C TRP B 140 -24.12 7.82 17.23
N GLU B 141 -24.04 6.50 17.35
CA GLU B 141 -25.20 5.67 17.10
C GLU B 141 -26.16 5.93 18.23
N THR B 142 -27.47 5.96 17.97
CA THR B 142 -28.07 5.77 16.63
C THR B 142 -28.52 7.09 15.97
N GLU B 143 -28.19 8.22 16.59
CA GLU B 143 -28.63 9.54 16.15
C GLU B 143 -28.09 9.92 14.78
N LEU B 144 -27.00 9.26 14.37
CA LEU B 144 -26.30 9.66 13.16
C LEU B 144 -27.07 9.22 11.92
N ASN B 145 -28.04 8.32 12.08
CA ASN B 145 -28.84 7.83 10.96
C ASN B 145 -30.11 8.62 10.69
N GLU B 146 -30.14 9.87 11.10
CA GLU B 146 -31.35 10.66 11.14
C GLU B 146 -31.71 11.18 9.76
N ALA B 147 -30.69 11.60 9.02
CA ALA B 147 -30.82 11.85 7.60
C ALA B 147 -31.84 12.95 7.28
N LEU B 148 -31.68 14.09 7.95
CA LEU B 148 -32.45 15.30 7.67
C LEU B 148 -31.95 16.00 6.41
N PRO B 149 -32.85 16.27 5.47
CA PRO B 149 -32.36 16.90 4.23
C PRO B 149 -31.80 18.27 4.52
N GLY B 150 -30.68 18.66 3.88
CA GLY B 150 -30.09 19.96 4.09
C GLY B 150 -29.06 19.92 5.20
N ASP B 151 -29.19 18.91 6.06
CA ASP B 151 -28.28 18.70 7.18
C ASP B 151 -27.03 18.04 6.64
N GLU B 152 -25.89 18.67 6.89
CA GLU B 152 -24.59 18.19 6.43
C GLU B 152 -23.92 17.23 7.44
N ARG B 153 -24.52 17.08 8.63
CA ARG B 153 -23.92 16.21 9.64
C ARG B 153 -23.95 14.74 9.21
N ASP B 154 -22.87 14.02 9.49
CA ASP B 154 -22.83 12.57 9.30
C ASP B 154 -22.98 12.20 7.83
N THR B 155 -22.40 13.03 6.98
CA THR B 155 -22.57 12.84 5.55
C THR B 155 -21.23 12.73 4.86
N THR B 156 -21.31 12.29 3.60
CA THR B 156 -20.18 12.24 2.69
C THR B 156 -20.77 12.46 1.30
N THR B 157 -19.90 12.54 0.31
CA THR B 157 -20.32 12.48 -1.08
C THR B 157 -19.81 11.15 -1.67
N PRO B 158 -20.52 10.60 -2.64
CA PRO B 158 -20.04 9.37 -3.29
C PRO B 158 -18.64 9.55 -3.83
N ALA B 159 -18.32 10.69 -4.44
CA ALA B 159 -16.98 10.87 -4.97
C ALA B 159 -15.93 10.81 -3.85
N ALA B 160 -16.20 11.46 -2.71
CA ALA B 160 -15.25 11.46 -1.61
C ALA B 160 -15.13 10.06 -0.95
N MET B 161 -16.27 9.41 -0.69
CA MET B 161 -16.28 8.09 -0.07
C MET B 161 -15.42 7.16 -0.89
N ALA B 162 -15.65 7.20 -2.21
CA ALA B 162 -14.94 6.30 -3.12
C ALA B 162 -13.42 6.52 -3.08
N ALA B 163 -13.03 7.80 -3.16
CA ALA B 163 -11.60 8.18 -3.09
C ALA B 163 -10.96 7.71 -1.80
N THR B 164 -11.69 7.90 -0.71
CA THR B 164 -11.20 7.49 0.61
C THR B 164 -11.10 5.98 0.71
N LEU B 165 -12.11 5.24 0.22
CA LEU B 165 -12.00 3.77 0.20
C LEU B 165 -10.82 3.27 -0.64
N ARG B 166 -10.54 3.91 -1.76
CA ARG B 166 -9.38 3.51 -2.55
C ARG B 166 -8.10 3.54 -1.71
N LYS B 167 -7.89 4.62 -0.95
CA LYS B 167 -6.65 4.73 -0.19
C LYS B 167 -6.60 3.71 0.90
N LEU B 168 -7.71 3.60 1.60
CA LEU B 168 -7.80 2.81 2.82
C LEU B 168 -7.71 1.30 2.54
N LEU B 169 -8.38 0.87 1.47
CA LEU B 169 -8.55 -0.56 1.21
C LEU B 169 -7.53 -1.08 0.20
N THR B 170 -6.86 -0.17 -0.51
CA THR B 170 -5.90 -0.67 -1.50
C THR B 170 -4.56 0.06 -1.48
N GLY B 171 -4.42 1.09 -0.65
CA GLY B 171 -3.21 1.92 -0.64
C GLY B 171 -2.42 1.70 0.65
N GLU B 172 -1.63 2.69 1.05
CA GLU B 172 -0.58 2.45 2.06
C GLU B 172 -0.90 3.03 3.43
N ILE B 173 -2.16 3.42 3.67
CA ILE B 173 -2.53 3.97 4.98
C ILE B 173 -2.40 2.93 6.10
N LEU B 174 -2.82 1.71 5.81
CA LEU B 174 -2.69 0.62 6.77
C LEU B 174 -1.56 -0.31 6.40
N SER B 175 -1.00 -1.01 7.40
CA SER B 175 -0.06 -2.12 7.13
C SER B 175 -0.71 -3.23 6.27
N ALA B 176 0.10 -4.08 5.67
CA ALA B 176 -0.44 -5.20 4.90
C ALA B 176 -1.47 -6.01 5.70
N ALA B 177 -1.14 -6.30 6.96
CA ALA B 177 -1.92 -7.22 7.77
C ALA B 177 -3.21 -6.54 8.18
N SER B 178 -3.13 -5.27 8.55
CA SER B 178 -4.34 -4.52 8.91
C SER B 178 -5.32 -4.32 7.71
N ARG B 179 -4.78 -3.99 6.55
CA ARG B 179 -5.64 -3.82 5.39
C ARG B 179 -6.34 -5.14 5.02
N GLN B 180 -5.60 -6.25 5.06
CA GLN B 180 -6.16 -7.54 4.72
CA GLN B 180 -6.14 -7.57 4.75
C GLN B 180 -7.26 -7.93 5.70
N GLN B 181 -7.02 -7.67 6.98
CA GLN B 181 -8.00 -7.92 8.04
C GLN B 181 -9.28 -7.09 7.82
N LEU B 182 -9.13 -5.82 7.43
CA LEU B 182 -10.29 -4.98 7.15
C LEU B 182 -11.12 -5.57 5.98
N ILE B 183 -10.45 -5.83 4.87
CA ILE B 183 -11.07 -6.48 3.71
C ILE B 183 -11.79 -7.79 4.08
N THR B 184 -11.13 -8.61 4.89
CA THR B 184 -11.69 -9.90 5.30
C THR B 184 -13.02 -9.72 6.07
N TRP B 185 -13.03 -8.82 7.05
CA TRP B 185 -14.28 -8.47 7.70
C TRP B 185 -15.38 -8.10 6.68
N MET B 186 -15.04 -7.30 5.67
CA MET B 186 -16.00 -6.87 4.69
C MET B 186 -16.51 -8.04 3.86
N VAL B 187 -15.62 -8.97 3.56
CA VAL B 187 -16.01 -10.16 2.83
C VAL B 187 -17.00 -11.02 3.67
N ALA B 188 -16.88 -11.01 5.00
CA ALA B 188 -17.70 -11.84 5.87
C ALA B 188 -18.99 -11.15 6.31
N ASP B 189 -19.34 -10.07 5.63
CA ASP B 189 -20.60 -9.37 5.85
C ASP B 189 -21.81 -10.34 5.86
N LYS B 190 -22.64 -10.26 6.91
CA LYS B 190 -23.74 -11.20 7.10
CA LYS B 190 -23.74 -11.19 7.09
C LYS B 190 -25.09 -10.62 6.72
N VAL B 191 -25.17 -9.31 6.55
CA VAL B 191 -26.46 -8.66 6.39
C VAL B 191 -26.66 -7.96 5.06
N ALA B 192 -25.93 -8.37 4.03
CA ALA B 192 -26.00 -7.65 2.75
C ALA B 192 -26.55 -8.50 1.60
N GLY B 193 -27.11 -9.65 1.93
CA GLY B 193 -27.51 -10.65 0.96
C GLY B 193 -28.43 -10.15 -0.13
N PRO B 194 -29.46 -9.38 0.25
CA PRO B 194 -30.39 -8.93 -0.80
C PRO B 194 -29.93 -7.71 -1.59
N LEU B 195 -28.69 -7.27 -1.45
CA LEU B 195 -28.23 -6.16 -2.27
C LEU B 195 -27.39 -6.65 -3.43
N LEU B 196 -26.16 -6.14 -3.55
CA LEU B 196 -25.30 -6.51 -4.68
C LEU B 196 -25.05 -8.00 -4.73
N ARG B 197 -24.89 -8.64 -3.58
CA ARG B 197 -24.63 -10.06 -3.52
C ARG B 197 -25.68 -10.88 -4.29
N SER B 198 -26.95 -10.47 -4.21
CA SER B 198 -28.04 -11.26 -4.81
C SER B 198 -27.99 -11.34 -6.35
N VAL B 199 -27.20 -10.49 -6.98
CA VAL B 199 -27.16 -10.44 -8.44
C VAL B 199 -25.74 -10.50 -8.93
N LEU B 200 -24.85 -10.96 -8.07
CA LEU B 200 -23.44 -11.15 -8.44
C LEU B 200 -23.14 -12.48 -9.20
N PRO B 201 -22.46 -12.42 -10.36
CA PRO B 201 -22.15 -13.69 -11.05
C PRO B 201 -21.20 -14.56 -10.23
N ALA B 202 -21.14 -15.84 -10.56
CA ALA B 202 -20.33 -16.76 -9.76
C ALA B 202 -18.85 -16.47 -9.98
N GLY B 203 -18.06 -16.61 -8.91
CA GLY B 203 -16.64 -16.33 -9.04
C GLY B 203 -16.19 -14.88 -8.82
N TRP B 204 -17.13 -13.95 -8.70
CA TRP B 204 -16.74 -12.57 -8.47
C TRP B 204 -16.36 -12.33 -7.02
N PHE B 205 -15.35 -11.49 -6.86
CA PHE B 205 -14.96 -11.00 -5.57
C PHE B 205 -15.93 -9.87 -5.12
N ILE B 206 -16.34 -9.89 -3.85
CA ILE B 206 -17.02 -8.75 -3.28
C ILE B 206 -16.71 -8.58 -1.80
N ALA B 207 -16.49 -7.33 -1.41
CA ALA B 207 -16.36 -6.95 -0.01
C ALA B 207 -17.19 -5.69 0.15
N ASP B 208 -18.12 -5.66 1.09
CA ASP B 208 -19.10 -4.59 1.14
C ASP B 208 -19.50 -4.22 2.58
N LYS B 209 -20.27 -3.15 2.69
CA LYS B 209 -20.82 -2.70 3.97
C LYS B 209 -22.10 -1.92 3.64
N THR B 210 -23.17 -2.23 4.38
CA THR B 210 -24.47 -1.64 4.14
C THR B 210 -24.78 -0.60 5.18
N GLY B 211 -25.83 0.15 4.91
CA GLY B 211 -26.32 1.18 5.80
C GLY B 211 -27.81 1.35 5.58
N ALA B 212 -28.48 1.83 6.62
CA ALA B 212 -29.90 2.14 6.60
C ALA B 212 -30.17 3.25 7.60
N GLY B 213 -31.14 4.08 7.30
CA GLY B 213 -31.48 5.18 8.19
C GLY B 213 -32.90 5.63 7.99
N GLU B 214 -33.24 6.77 8.60
N GLU B 214 -33.24 6.77 8.60
CA GLU B 214 -34.58 7.33 8.49
CA GLU B 214 -34.56 7.35 8.48
C GLU B 214 -34.77 8.00 7.14
C GLU B 214 -34.77 7.94 7.10
N ARG B 215 -36.01 8.32 6.79
CA ARG B 215 -36.32 8.94 5.52
C ARG B 215 -36.02 7.97 4.38
N GLY B 216 -36.22 6.66 4.62
CA GLY B 216 -36.08 5.65 3.60
C GLY B 216 -34.65 5.60 3.06
N SER B 217 -33.70 5.91 3.95
CA SER B 217 -32.30 5.95 3.56
C SER B 217 -31.72 4.54 3.54
N ARG B 218 -30.82 4.31 2.58
CA ARG B 218 -30.15 3.03 2.41
C ARG B 218 -28.93 3.27 1.56
N GLY B 219 -27.89 2.46 1.75
CA GLY B 219 -26.69 2.65 1.00
C GLY B 219 -25.81 1.45 1.10
N ILE B 220 -24.86 1.34 0.18
CA ILE B 220 -23.86 0.28 0.17
C ILE B 220 -22.54 0.78 -0.42
N ILE B 221 -21.43 0.41 0.21
CA ILE B 221 -20.10 0.55 -0.41
C ILE B 221 -19.49 -0.83 -0.67
N ALA B 222 -18.71 -0.95 -1.71
CA ALA B 222 -18.26 -2.26 -2.10
C ALA B 222 -17.02 -2.19 -2.98
N VAL B 223 -16.11 -3.11 -2.72
CA VAL B 223 -15.04 -3.41 -3.65
C VAL B 223 -15.49 -4.72 -4.30
N LEU B 224 -15.41 -4.78 -5.62
N LEU B 224 -15.39 -4.79 -5.62
CA LEU B 224 -15.78 -6.00 -6.33
CA LEU B 224 -15.78 -6.00 -6.32
C LEU B 224 -15.13 -6.10 -7.69
C LEU B 224 -15.09 -6.12 -7.67
N GLY B 225 -15.17 -7.31 -8.26
CA GLY B 225 -14.62 -7.56 -9.57
C GLY B 225 -14.75 -9.05 -9.92
N PRO B 226 -14.68 -9.38 -11.21
CA PRO B 226 -14.70 -10.82 -11.59
C PRO B 226 -13.42 -11.57 -11.25
N ASP B 227 -13.48 -12.90 -11.35
CA ASP B 227 -12.29 -13.77 -11.26
C ASP B 227 -11.61 -13.64 -9.91
N GLY B 228 -12.39 -13.35 -8.87
CA GLY B 228 -11.83 -13.28 -7.52
C GLY B 228 -10.89 -12.09 -7.24
N LYS B 229 -10.93 -11.09 -8.12
CA LYS B 229 -10.02 -9.94 -8.04
C LYS B 229 -10.78 -8.65 -7.77
N PRO B 230 -10.34 -7.87 -6.78
CA PRO B 230 -10.91 -6.52 -6.60
C PRO B 230 -10.56 -5.70 -7.82
N SER B 231 -11.54 -5.03 -8.40
CA SER B 231 -11.32 -4.34 -9.64
C SER B 231 -11.86 -2.91 -9.58
N ARG B 232 -13.01 -2.76 -8.93
CA ARG B 232 -13.66 -1.44 -8.77
C ARG B 232 -14.33 -1.22 -7.42
N ILE B 233 -14.45 0.06 -7.11
CA ILE B 233 -15.18 0.53 -5.94
C ILE B 233 -16.50 1.10 -6.41
N VAL B 234 -17.55 0.69 -5.72
CA VAL B 234 -18.89 1.14 -6.03
C VAL B 234 -19.50 1.69 -4.73
N VAL B 235 -19.99 2.91 -4.81
CA VAL B 235 -20.70 3.54 -3.73
C VAL B 235 -22.10 3.88 -4.23
N ILE B 236 -23.11 3.42 -3.50
CA ILE B 236 -24.51 3.74 -3.77
C ILE B 236 -25.25 4.20 -2.49
N TYR B 237 -25.79 5.41 -2.54
CA TYR B 237 -26.63 5.95 -1.47
C TYR B 237 -28.02 6.28 -1.99
N LEU B 238 -29.02 6.02 -1.17
CA LEU B 238 -30.33 6.56 -1.48
C LEU B 238 -31.04 7.12 -0.24
N THR B 239 -31.80 8.20 -0.45
CA THR B 239 -32.51 8.81 0.64
C THR B 239 -33.76 9.55 0.14
N GLU B 240 -34.50 10.11 1.09
CA GLU B 240 -35.72 10.90 0.82
C GLU B 240 -36.75 10.09 0.06
N THR B 241 -37.07 8.91 0.55
CA THR B 241 -38.09 8.04 -0.05
CA THR B 241 -38.14 8.11 -0.05
C THR B 241 -39.00 7.43 1.00
N GLN B 242 -40.17 6.99 0.57
N GLN B 242 -40.18 6.97 0.59
CA GLN B 242 -41.13 6.37 1.48
CA GLN B 242 -41.11 6.34 1.50
C GLN B 242 -41.20 4.87 1.21
C GLN B 242 -41.19 4.85 1.21
N ALA B 243 -40.28 4.36 0.38
CA ALA B 243 -40.26 2.94 0.07
C ALA B 243 -39.87 2.09 1.28
N SER B 244 -40.45 0.89 1.34
CA SER B 244 -40.11 -0.10 2.36
C SER B 244 -38.71 -0.68 2.12
N MET B 245 -38.17 -1.30 3.15
CA MET B 245 -36.82 -1.84 3.05
C MET B 245 -36.69 -2.81 1.89
N ASP B 246 -37.73 -3.57 1.60
CA ASP B 246 -37.67 -4.54 0.52
C ASP B 246 -37.59 -3.86 -0.83
N GLU B 247 -38.25 -2.72 -0.96
CA GLU B 247 -38.25 -1.97 -2.21
C GLU B 247 -36.88 -1.31 -2.45
N ARG B 248 -36.29 -0.80 -1.38
CA ARG B 248 -35.02 -0.11 -1.47
C ARG B 248 -33.92 -1.10 -1.84
N ASN B 249 -33.96 -2.27 -1.22
CA ASN B 249 -32.98 -3.31 -1.51
C ASN B 249 -33.08 -3.73 -2.97
N GLN B 250 -34.31 -3.94 -3.42
CA GLN B 250 -34.55 -4.42 -4.78
C GLN B 250 -34.02 -3.40 -5.80
N GLN B 251 -34.17 -2.13 -5.48
CA GLN B 251 -33.75 -1.09 -6.41
C GLN B 251 -32.20 -1.01 -6.49
N ILE B 252 -31.54 -1.21 -5.35
CA ILE B 252 -30.10 -1.25 -5.34
C ILE B 252 -29.61 -2.46 -6.12
N ALA B 253 -30.33 -3.57 -6.01
CA ALA B 253 -30.00 -4.75 -6.81
C ALA B 253 -30.13 -4.51 -8.33
N GLU B 254 -31.18 -3.80 -8.75
CA GLU B 254 -31.39 -3.53 -10.17
C GLU B 254 -30.23 -2.68 -10.69
N ILE B 255 -29.84 -1.69 -9.90
CA ILE B 255 -28.67 -0.87 -10.22
C ILE B 255 -27.41 -1.76 -10.30
N GLY B 256 -27.32 -2.75 -9.42
CA GLY B 256 -26.18 -3.63 -9.44
C GLY B 256 -26.19 -4.46 -10.70
N ALA B 257 -27.35 -5.02 -11.01
CA ALA B 257 -27.46 -5.86 -12.19
C ALA B 257 -27.05 -5.16 -13.46
N ALA B 258 -27.40 -3.88 -13.57
CA ALA B 258 -27.08 -3.10 -14.77
C ALA B 258 -25.57 -2.80 -14.88
N LEU B 259 -25.00 -2.44 -13.74
CA LEU B 259 -23.58 -2.19 -13.61
C LEU B 259 -22.81 -3.45 -14.06
N ILE B 260 -23.30 -4.61 -13.64
CA ILE B 260 -22.69 -5.87 -14.02
C ILE B 260 -22.81 -6.12 -15.54
N GLU B 261 -24.01 -5.95 -16.06
N GLU B 261 -24.01 -5.95 -16.06
CA GLU B 261 -24.25 -6.19 -17.47
CA GLU B 261 -24.25 -6.21 -17.48
C GLU B 261 -23.42 -5.26 -18.36
C GLU B 261 -23.43 -5.27 -18.36
N HIS B 262 -23.20 -4.04 -17.89
CA HIS B 262 -22.47 -3.04 -18.67
C HIS B 262 -21.08 -2.74 -18.07
N TRP B 263 -20.51 -3.77 -17.45
CA TRP B 263 -19.19 -3.68 -16.85
C TRP B 263 -18.13 -3.16 -17.81
S SO4 C . 24.53 -3.01 -11.84
O1 SO4 C . 23.95 -4.06 -11.01
O2 SO4 C . 23.51 -2.05 -12.25
O3 SO4 C . 25.49 -2.26 -11.06
O4 SO4 C . 25.18 -3.68 -12.98
S SO4 D . 31.71 -5.19 -12.68
O1 SO4 D . 30.76 -4.94 -13.77
O2 SO4 D . 31.88 -3.95 -11.92
O3 SO4 D . 31.18 -6.22 -11.80
O4 SO4 D . 33.00 -5.58 -13.24
S SO4 E . -24.01 -1.55 35.81
O1 SO4 E . -24.92 -2.07 34.77
O2 SO4 E . -24.78 -1.04 36.95
O3 SO4 E . -23.12 -2.60 36.29
O4 SO4 E . -23.22 -0.44 35.29
S SO4 F . -27.25 -2.07 8.14
O1 SO4 F . -28.46 -2.82 8.61
O2 SO4 F . -26.84 -1.00 9.06
O3 SO4 F . -26.13 -2.99 8.00
O4 SO4 F . -27.58 -1.40 6.89
#